data_8K79
#
_entry.id   8K79
#
_cell.length_a   41.863
_cell.length_b   63.056
_cell.length_c   73.084
_cell.angle_alpha   100.48
_cell.angle_beta   91.10
_cell.angle_gamma   90.22
#
_symmetry.space_group_name_H-M   'P 1'
#
loop_
_entity.id
_entity.type
_entity.pdbx_description
1 polymer 'Proto-oncogene tyrosine-protein kinase Src'
2 non-polymer Elzovantinib
3 water water
#
_entity_poly.entity_id   1
_entity_poly.type   'polypeptide(L)'
_entity_poly.pdbx_seq_one_letter_code
;GHMQTQGLAKDAWEIPRESLRLEVKLGQGCFGEVWMGTWNGTTRVAIKTLKPGTMSPEAFLQEAQVMKKLRHEKLVQLYA
VVSEEPIYIVTEYMSKGSLLDFLKGEMGKYLRLPQLVDMAAQIASGMAYVERMNYVHRDLRAANILVGENLVCKVADFGL
ARLIEDNEYTARQGAKFPIKWTAPEAALYGRFTIKSDVWSFGILLTELTTKGRVPYPGMVNREVLDQVERGYRMPCPPEC
PESLHDLMCQCWRKDPEERPTFEYLQAFLEDYFTSTEPQYQPGENL
;
_entity_poly.pdbx_strand_id   A,B
#
loop_
_chem_comp.id
_chem_comp.type
_chem_comp.name
_chem_comp.formula
IYC non-polymer Elzovantinib 'C20 H20 F N7 O2'
#
# COMPACT_ATOMS: atom_id res chain seq x y z
N LYS A 10 -15.63 37.16 -13.43
CA LYS A 10 -16.19 36.21 -12.47
C LYS A 10 -16.36 34.88 -13.08
N ASP A 11 -16.20 33.85 -12.27
CA ASP A 11 -16.24 32.52 -12.74
C ASP A 11 -17.59 31.94 -12.69
N ALA A 12 -17.65 30.62 -12.87
CA ALA A 12 -18.90 29.93 -12.91
C ALA A 12 -19.10 29.32 -11.59
N TRP A 13 -18.40 29.87 -10.60
CA TRP A 13 -18.49 29.38 -9.24
C TRP A 13 -19.20 30.45 -8.53
N GLU A 14 -19.27 31.61 -9.15
CA GLU A 14 -20.02 32.72 -8.56
C GLU A 14 -21.51 32.52 -8.45
N ILE A 15 -22.00 32.44 -7.23
CA ILE A 15 -23.43 32.23 -6.99
C ILE A 15 -23.98 33.49 -6.31
N PRO A 16 -25.31 33.66 -6.22
CA PRO A 16 -25.84 34.81 -5.50
C PRO A 16 -25.46 34.77 -4.02
N ARG A 17 -25.30 35.95 -3.44
CA ARG A 17 -24.93 36.06 -2.03
C ARG A 17 -26.07 35.69 -1.09
N GLU A 18 -27.29 35.59 -1.60
CA GLU A 18 -28.45 35.26 -0.78
C GLU A 18 -28.92 33.82 -0.96
N SER A 19 -28.30 33.07 -1.86
CA SER A 19 -28.70 31.69 -2.11
C SER A 19 -28.29 30.74 -1.01
N LEU A 20 -27.69 31.23 0.08
CA LEU A 20 -27.22 30.40 1.18
C LEU A 20 -27.92 30.80 2.47
N ARG A 21 -28.31 29.79 3.26
CA ARG A 21 -28.99 30.00 4.53
C ARG A 21 -28.13 29.41 5.63
N LEU A 22 -27.21 30.21 6.16
CA LEU A 22 -26.32 29.75 7.22
C LEU A 22 -27.12 29.40 8.47
N GLU A 23 -26.72 28.33 9.14
CA GLU A 23 -27.45 27.87 10.32
C GLU A 23 -26.52 27.68 11.52
N VAL A 24 -25.91 26.50 11.63
CA VAL A 24 -25.14 26.11 12.81
C VAL A 24 -23.66 26.39 12.54
N LYS A 25 -23.01 27.04 13.49
CA LYS A 25 -21.57 27.30 13.43
C LYS A 25 -20.81 26.11 14.03
N LEU A 26 -19.85 25.59 13.28
CA LEU A 26 -19.12 24.39 13.65
C LEU A 26 -17.71 24.68 14.15
N GLY A 27 -17.40 25.94 14.45
CA GLY A 27 -16.06 26.33 14.83
C GLY A 27 -15.69 27.56 14.03
N GLN A 28 -14.84 28.40 14.61
CA GLN A 28 -14.48 29.66 13.99
C GLN A 28 -13.03 30.00 14.30
N GLY A 29 -12.55 31.08 13.69
CA GLY A 29 -11.21 31.56 13.92
C GLY A 29 -11.18 33.07 14.08
N GLY A 32 -12.26 33.77 9.55
CA GLY A 32 -13.68 33.87 9.79
C GLY A 32 -14.25 32.69 10.55
N GLU A 33 -15.49 32.35 10.25
CA GLU A 33 -16.19 31.25 10.90
C GLU A 33 -16.52 30.16 9.89
N VAL A 34 -17.04 29.04 10.42
CA VAL A 34 -17.46 27.91 9.60
C VAL A 34 -18.91 27.59 9.97
N TRP A 35 -19.79 27.59 8.96
CA TRP A 35 -21.21 27.38 9.17
C TRP A 35 -21.71 26.20 8.35
N MET A 36 -22.72 25.49 8.89
CA MET A 36 -23.40 24.43 8.16
C MET A 36 -24.75 24.99 7.73
N GLY A 37 -24.96 25.21 6.44
CA GLY A 37 -26.21 25.71 5.95
C GLY A 37 -26.99 25.08 4.84
N THR A 38 -27.43 25.90 3.88
CA THR A 38 -28.29 25.42 2.78
C THR A 38 -27.95 26.12 1.50
N TRP A 39 -28.14 25.43 0.39
CA TRP A 39 -27.78 25.98 -0.89
C TRP A 39 -28.89 25.75 -1.80
N ASN A 40 -29.43 26.81 -2.39
CA ASN A 40 -30.51 26.73 -3.34
C ASN A 40 -31.66 25.95 -2.78
N GLY A 41 -31.86 26.02 -1.49
CA GLY A 41 -32.97 25.35 -0.90
C GLY A 41 -32.79 23.98 -0.33
N THR A 42 -31.98 23.16 -0.93
CA THR A 42 -31.92 21.81 -0.46
C THR A 42 -30.59 21.18 -0.29
N THR A 43 -29.54 21.98 -0.35
CA THR A 43 -28.27 21.26 -0.31
C THR A 43 -27.51 21.53 0.98
N ARG A 44 -27.25 20.48 1.76
CA ARG A 44 -26.51 20.65 2.97
C ARG A 44 -25.12 20.94 2.60
N VAL A 45 -24.61 22.08 3.02
CA VAL A 45 -23.28 22.53 2.67
C VAL A 45 -22.56 23.00 3.93
N ALA A 46 -21.26 23.26 3.77
CA ALA A 46 -20.43 23.89 4.80
C ALA A 46 -19.90 25.20 4.23
N ILE A 47 -20.20 26.30 4.89
CA ILE A 47 -19.92 27.64 4.38
C ILE A 47 -18.78 28.22 5.19
N LYS A 48 -17.57 28.21 4.61
CA LYS A 48 -16.46 28.97 5.15
C LYS A 48 -16.62 30.42 4.75
N THR A 49 -16.57 31.31 5.74
CA THR A 49 -16.86 32.71 5.53
C THR A 49 -15.67 33.58 5.93
N LEU A 50 -15.60 34.77 5.33
CA LEU A 50 -14.57 35.75 5.65
C LEU A 50 -15.22 36.84 6.50
N LYS A 51 -14.93 36.81 7.79
CA LYS A 51 -15.46 37.80 8.68
C LYS A 51 -14.45 38.87 8.53
N PRO A 52 -14.92 40.06 8.17
CA PRO A 52 -13.96 41.10 7.87
C PRO A 52 -13.05 41.45 9.02
N GLY A 53 -11.79 41.14 8.85
CA GLY A 53 -10.83 41.48 9.85
C GLY A 53 -10.08 42.28 8.87
N THR A 54 -10.79 42.81 7.88
CA THR A 54 -10.21 43.58 6.79
C THR A 54 -9.14 42.72 6.19
N MET A 55 -9.45 41.44 6.01
CA MET A 55 -8.41 40.56 5.55
C MET A 55 -8.46 40.61 4.09
N SER A 56 -7.33 40.35 3.44
CA SER A 56 -7.25 40.55 2.03
C SER A 56 -8.03 39.49 1.25
N PRO A 57 -9.13 39.85 0.52
CA PRO A 57 -9.92 38.78 -0.12
C PRO A 57 -9.14 38.04 -1.17
N GLU A 58 -8.18 38.68 -1.84
CA GLU A 58 -7.29 37.97 -2.75
C GLU A 58 -6.48 36.92 -2.02
N ALA A 59 -6.19 37.14 -0.73
CA ALA A 59 -5.54 36.13 0.08
C ALA A 59 -6.53 35.15 0.67
N PHE A 60 -7.82 35.48 0.66
CA PHE A 60 -8.87 34.56 1.09
C PHE A 60 -9.48 33.76 -0.05
N LEU A 61 -9.53 34.33 -1.25
CA LEU A 61 -9.96 33.58 -2.43
C LEU A 61 -8.83 32.75 -3.04
N GLN A 62 -7.60 32.89 -2.52
CA GLN A 62 -6.52 32.02 -2.97
C GLN A 62 -6.79 30.57 -2.59
N GLU A 63 -7.44 30.34 -1.45
CA GLU A 63 -7.84 28.99 -1.08
C GLU A 63 -8.90 28.45 -2.04
N ALA A 64 -9.77 29.31 -2.57
CA ALA A 64 -10.75 28.89 -3.55
C ALA A 64 -10.14 28.73 -4.94
N GLN A 65 -9.08 29.48 -5.24
CA GLN A 65 -8.43 29.36 -6.54
C GLN A 65 -7.85 27.96 -6.74
N VAL A 66 -7.20 27.42 -5.71
CA VAL A 66 -6.64 26.08 -5.82
C VAL A 66 -7.75 25.03 -5.76
N MET A 67 -8.83 25.30 -5.01
CA MET A 67 -9.92 24.34 -4.88
C MET A 67 -10.74 24.20 -6.15
N LYS A 68 -10.59 25.11 -7.11
CA LYS A 68 -11.32 24.98 -8.38
C LYS A 68 -10.67 23.96 -9.31
N LYS A 69 -9.36 23.80 -9.23
CA LYS A 69 -8.63 22.92 -10.14
C LYS A 69 -8.43 21.52 -9.59
N LEU A 70 -8.88 21.25 -8.37
CA LEU A 70 -8.65 19.97 -7.71
C LEU A 70 -9.99 19.30 -7.45
N ARG A 71 -10.30 18.25 -8.22
CA ARG A 71 -11.50 17.46 -8.04
C ARG A 71 -11.10 16.00 -7.83
N HIS A 72 -11.49 15.43 -6.69
CA HIS A 72 -11.15 14.05 -6.35
C HIS A 72 -12.10 13.60 -5.25
N GLU A 73 -12.37 12.29 -5.23
CA GLU A 73 -13.31 11.76 -4.26
C GLU A 73 -12.76 11.77 -2.84
N LYS A 74 -11.44 11.91 -2.68
CA LYS A 74 -10.80 11.99 -1.38
C LYS A 74 -10.38 13.42 -1.02
N LEU A 75 -10.89 14.41 -1.74
CA LEU A 75 -10.65 15.82 -1.42
C LEU A 75 -11.99 16.49 -1.14
N VAL A 76 -11.99 17.42 -0.17
CA VAL A 76 -13.22 18.12 0.16
C VAL A 76 -13.65 18.96 -1.03
N GLN A 77 -14.87 18.73 -1.50
CA GLN A 77 -15.32 19.28 -2.78
C GLN A 77 -15.89 20.68 -2.58
N LEU A 78 -15.23 21.67 -3.18
CA LEU A 78 -15.77 23.02 -3.20
C LEU A 78 -17.05 23.06 -4.00
N TYR A 79 -18.05 23.79 -3.49
CA TYR A 79 -19.35 23.86 -4.15
C TYR A 79 -19.56 25.19 -4.86
N ALA A 80 -19.14 26.31 -4.28
CA ALA A 80 -19.30 27.61 -4.90
C ALA A 80 -18.51 28.64 -4.11
N VAL A 81 -18.35 29.83 -4.71
CA VAL A 81 -17.62 30.94 -4.13
C VAL A 81 -18.42 32.22 -4.29
N VAL A 82 -18.35 33.09 -3.30
CA VAL A 82 -18.93 34.44 -3.37
C VAL A 82 -17.78 35.43 -3.21
N SER A 83 -17.40 36.09 -4.29
CA SER A 83 -16.23 36.95 -4.29
C SER A 83 -16.61 38.43 -4.29
N GLU A 84 -17.48 38.83 -3.37
CA GLU A 84 -17.84 40.23 -3.19
C GLU A 84 -18.19 40.44 -1.72
N GLU A 85 -17.44 41.33 -1.06
CA GLU A 85 -17.48 41.56 0.39
C GLU A 85 -18.91 41.60 0.93
N PRO A 86 -19.24 40.79 1.95
CA PRO A 86 -18.36 39.77 2.57
C PRO A 86 -18.17 38.53 1.71
N ILE A 87 -17.00 37.89 1.87
CA ILE A 87 -16.58 36.78 1.02
C ILE A 87 -17.12 35.47 1.59
N TYR A 88 -17.50 34.54 0.71
CA TYR A 88 -17.98 33.22 1.10
C TYR A 88 -17.26 32.15 0.31
N ILE A 89 -17.16 30.96 0.91
CA ILE A 89 -16.63 29.77 0.26
C ILE A 89 -17.50 28.59 0.68
N VAL A 90 -18.17 27.98 -0.29
CA VAL A 90 -19.13 26.91 -0.03
C VAL A 90 -18.51 25.58 -0.46
N THR A 91 -18.44 24.63 0.46
CA THR A 91 -17.91 23.30 0.20
C THR A 91 -18.92 22.26 0.70
N GLU A 92 -18.56 20.99 0.53
CA GLU A 92 -19.41 19.90 1.00
C GLU A 92 -19.34 19.78 2.51
N TYR A 93 -20.38 19.20 3.09
CA TYR A 93 -20.49 19.04 4.54
C TYR A 93 -20.07 17.64 4.94
N MET A 94 -19.09 17.55 5.84
CA MET A 94 -18.62 16.28 6.37
C MET A 94 -19.32 16.03 7.70
N SER A 95 -20.07 14.93 7.78
CA SER A 95 -20.94 14.68 8.92
C SER A 95 -20.19 14.32 10.20
N LYS A 96 -18.91 13.97 10.13
CA LYS A 96 -18.16 13.53 11.30
C LYS A 96 -17.11 14.53 11.74
N GLY A 97 -17.05 15.70 11.13
CA GLY A 97 -16.11 16.73 11.56
C GLY A 97 -14.66 16.35 11.30
N SER A 98 -13.77 17.14 11.90
CA SER A 98 -12.35 16.97 11.69
C SER A 98 -11.88 15.61 12.19
N LEU A 99 -10.82 15.10 11.56
CA LEU A 99 -10.26 13.81 11.96
C LEU A 99 -9.60 13.89 13.33
N LEU A 100 -9.04 15.06 13.69
CA LEU A 100 -8.41 15.22 14.99
C LEU A 100 -9.43 15.04 16.11
N ASP A 101 -10.57 15.73 16.00
CA ASP A 101 -11.63 15.58 17.00
C ASP A 101 -12.19 14.17 17.00
N PHE A 102 -12.22 13.52 15.82
CA PHE A 102 -12.73 12.15 15.74
C PHE A 102 -11.81 11.18 16.49
N LEU A 103 -10.50 11.29 16.28
CA LEU A 103 -9.56 10.44 17.00
C LEU A 103 -9.56 10.72 18.49
N LYS A 104 -9.88 11.96 18.89
CA LYS A 104 -9.94 12.34 20.29
C LYS A 104 -11.34 12.20 20.89
N GLY A 105 -12.36 11.99 20.08
CA GLY A 105 -13.72 11.93 20.56
C GLY A 105 -14.08 10.59 21.18
N GLU A 106 -15.40 10.32 21.19
CA GLU A 106 -15.91 9.07 21.74
C GLU A 106 -15.65 7.87 20.84
N MET A 107 -15.52 8.10 19.52
CA MET A 107 -15.22 7.01 18.59
C MET A 107 -13.75 6.64 18.58
N GLY A 108 -12.89 7.50 19.11
CA GLY A 108 -11.47 7.21 19.18
C GLY A 108 -11.18 5.88 19.84
N LYS A 109 -11.62 5.71 21.09
CA LYS A 109 -11.32 4.51 21.86
C LYS A 109 -11.74 3.23 21.15
N TYR A 110 -12.65 3.30 20.18
CA TYR A 110 -13.14 2.12 19.48
C TYR A 110 -12.44 1.85 18.16
N LEU A 111 -11.66 2.81 17.65
CA LEU A 111 -10.96 2.62 16.38
C LEU A 111 -9.77 1.69 16.55
N ARG A 112 -9.53 0.87 15.52
CA ARG A 112 -8.46 -0.11 15.55
C ARG A 112 -7.61 0.06 14.29
N LEU A 113 -6.50 -0.68 14.26
CA LEU A 113 -5.57 -0.58 13.15
C LEU A 113 -6.19 -0.83 11.78
N PRO A 114 -7.08 -1.81 11.58
CA PRO A 114 -7.69 -1.96 10.25
C PRO A 114 -8.46 -0.74 9.79
N GLN A 115 -9.20 -0.10 10.69
CA GLN A 115 -9.91 1.12 10.33
C GLN A 115 -8.96 2.29 10.18
N LEU A 116 -7.97 2.40 11.08
CA LEU A 116 -7.06 3.54 11.06
C LEU A 116 -6.17 3.52 9.82
N VAL A 117 -5.69 2.34 9.42
CA VAL A 117 -4.91 2.24 8.20
C VAL A 117 -5.78 2.59 6.99
N ASP A 118 -7.05 2.19 7.03
CA ASP A 118 -7.95 2.52 5.92
C ASP A 118 -8.10 4.03 5.76
N MET A 119 -8.29 4.75 6.87
CA MET A 119 -8.32 6.21 6.81
C MET A 119 -7.01 6.76 6.24
N ALA A 120 -5.88 6.12 6.57
CA ALA A 120 -4.60 6.57 6.05
C ALA A 120 -4.45 6.28 4.56
N ALA A 121 -5.09 5.21 4.07
CA ALA A 121 -5.05 4.93 2.65
C ALA A 121 -5.92 5.90 1.85
N GLN A 122 -7.04 6.35 2.43
CA GLN A 122 -7.85 7.37 1.78
C GLN A 122 -7.10 8.70 1.70
N ILE A 123 -6.44 9.09 2.79
CA ILE A 123 -5.65 10.32 2.78
C ILE A 123 -4.52 10.20 1.76
N ALA A 124 -3.86 9.05 1.72
CA ALA A 124 -2.78 8.85 0.75
C ALA A 124 -3.31 8.77 -0.67
N SER A 125 -4.56 8.36 -0.85
CA SER A 125 -5.16 8.36 -2.19
C SER A 125 -5.40 9.78 -2.67
N GLY A 126 -6.00 10.61 -1.81
CA GLY A 126 -6.20 12.01 -2.17
C GLY A 126 -4.91 12.78 -2.23
N MET A 127 -3.92 12.41 -1.41
CA MET A 127 -2.61 13.04 -1.47
C MET A 127 -1.79 12.56 -2.66
N ALA A 128 -2.13 11.40 -3.23
CA ALA A 128 -1.51 10.97 -4.47
C ALA A 128 -2.17 11.60 -5.69
N TYR A 129 -3.42 12.05 -5.57
CA TYR A 129 -4.07 12.75 -6.67
C TYR A 129 -3.37 14.07 -6.94
N VAL A 130 -3.26 14.93 -5.92
CA VAL A 130 -2.58 16.20 -6.09
C VAL A 130 -1.09 16.04 -6.32
N GLU A 131 -0.54 14.85 -6.03
CA GLU A 131 0.84 14.56 -6.41
C GLU A 131 0.98 14.43 -7.92
N ARG A 132 -0.07 13.96 -8.59
CA ARG A 132 -0.08 13.90 -10.04
C ARG A 132 -0.43 15.25 -10.67
N MET A 133 -1.05 16.15 -9.91
CA MET A 133 -1.38 17.48 -10.40
C MET A 133 -0.27 18.49 -10.20
N ASN A 134 0.86 18.07 -9.60
CA ASN A 134 2.00 18.95 -9.34
C ASN A 134 1.59 20.11 -8.43
N TYR A 135 0.92 19.78 -7.33
CA TYR A 135 0.59 20.73 -6.27
C TYR A 135 1.22 20.27 -4.97
N VAL A 136 1.31 21.15 -3.98
CA VAL A 136 1.85 20.85 -2.68
C VAL A 136 0.76 21.38 -1.77
N HIS A 137 0.48 20.70 -0.68
CA HIS A 137 -0.56 21.09 0.24
C HIS A 137 -0.09 22.01 1.29
N ARG A 138 1.09 21.76 1.82
CA ARG A 138 1.73 22.61 2.80
C ARG A 138 1.21 22.72 4.24
N ASP A 139 0.05 22.17 4.54
CA ASP A 139 -0.44 22.10 5.89
C ASP A 139 -1.16 20.80 5.92
N LEU A 140 -0.45 19.70 5.86
CA LEU A 140 -1.08 18.42 6.01
C LEU A 140 -1.03 17.89 7.43
N ARG A 141 -2.19 17.71 8.01
CA ARG A 141 -2.29 17.24 9.38
C ARG A 141 -3.71 16.73 9.61
N ALA A 142 -3.87 15.93 10.66
CA ALA A 142 -5.19 15.38 10.98
C ALA A 142 -6.20 16.46 11.34
N ALA A 143 -5.74 17.64 11.77
CA ALA A 143 -6.64 18.75 12.00
C ALA A 143 -7.25 19.28 10.70
N ASN A 144 -6.63 18.97 9.56
CA ASN A 144 -7.11 19.40 8.26
C ASN A 144 -7.79 18.29 7.48
N ILE A 145 -7.78 17.07 7.99
CA ILE A 145 -8.53 15.97 7.40
C ILE A 145 -9.94 15.99 7.97
N LEU A 146 -10.93 15.83 7.09
CA LEU A 146 -12.33 15.85 7.48
C LEU A 146 -12.95 14.49 7.22
N VAL A 147 -13.82 14.04 8.13
CA VAL A 147 -14.42 12.73 8.08
C VAL A 147 -15.92 12.88 7.83
N GLY A 148 -16.45 12.00 6.98
CA GLY A 148 -17.87 11.86 6.79
C GLY A 148 -18.37 10.51 7.27
N GLU A 149 -19.53 10.12 6.75
CA GLU A 149 -20.07 8.81 7.08
C GLU A 149 -19.19 7.71 6.50
N ASN A 150 -19.41 6.48 6.97
CA ASN A 150 -18.74 5.29 6.47
C ASN A 150 -17.22 5.36 6.62
N LEU A 151 -16.73 6.18 7.56
CA LEU A 151 -15.30 6.31 7.84
C LEU A 151 -14.54 6.84 6.62
N VAL A 152 -15.12 7.84 5.95
CA VAL A 152 -14.54 8.43 4.75
C VAL A 152 -13.75 9.67 5.14
N CYS A 153 -12.50 9.75 4.71
CA CYS A 153 -11.61 10.85 5.05
C CYS A 153 -11.20 11.59 3.79
N LYS A 154 -11.50 12.88 3.73
CA LYS A 154 -11.09 13.76 2.64
C LYS A 154 -10.17 14.84 3.21
N VAL A 155 -9.00 14.98 2.61
CA VAL A 155 -8.08 16.03 3.05
C VAL A 155 -8.64 17.38 2.66
N ALA A 156 -8.28 18.41 3.42
CA ALA A 156 -8.88 19.73 3.24
C ALA A 156 -7.86 20.78 3.65
N ASP A 157 -8.34 22.01 3.85
CA ASP A 157 -7.54 23.17 4.25
C ASP A 157 -6.43 23.44 3.23
N PHE A 158 -6.87 23.85 2.04
CA PHE A 158 -5.98 24.26 0.97
C PHE A 158 -5.69 25.75 1.00
N GLY A 159 -5.82 26.40 2.16
CA GLY A 159 -5.50 27.80 2.29
C GLY A 159 -4.04 28.14 2.09
N LEU A 160 -3.16 27.13 2.05
CA LEU A 160 -1.76 27.32 1.75
C LEU A 160 -1.29 26.54 0.53
N ALA A 161 -2.13 25.66 -0.02
CA ALA A 161 -1.75 24.87 -1.18
C ALA A 161 -1.56 25.76 -2.40
N ARG A 162 -0.60 25.38 -3.25
CA ARG A 162 -0.28 26.15 -4.44
C ARG A 162 0.46 25.26 -5.43
N LEU A 163 0.43 25.67 -6.69
CA LEU A 163 1.13 24.93 -7.73
C LEU A 163 2.63 25.17 -7.64
N ILE A 164 3.41 24.14 -7.94
CA ILE A 164 4.87 24.20 -7.82
C ILE A 164 5.45 25.05 -8.94
N GLU A 165 6.75 25.30 -8.87
CA GLU A 165 7.45 26.08 -9.89
C GLU A 165 8.48 25.23 -10.61
N PHE A 177 5.53 28.32 11.51
CA PHE A 177 5.05 27.14 10.87
C PHE A 177 4.53 26.15 11.86
N PRO A 178 3.60 25.30 11.44
CA PRO A 178 3.20 24.24 12.30
C PRO A 178 4.39 23.31 12.29
N ILE A 179 5.44 23.59 13.01
CA ILE A 179 6.66 22.85 12.96
C ILE A 179 6.63 21.35 13.05
N LYS A 180 5.85 20.82 13.95
CA LYS A 180 5.87 19.41 14.23
C LYS A 180 5.38 18.52 13.14
N TRP A 181 4.77 19.10 12.16
CA TRP A 181 4.28 18.40 11.05
C TRP A 181 5.09 18.72 9.82
N THR A 182 5.94 19.78 9.82
CA THR A 182 6.66 20.19 8.63
C THR A 182 8.00 19.48 8.55
N ALA A 183 8.42 19.17 7.32
CA ALA A 183 9.75 18.68 7.08
C ALA A 183 10.77 19.79 7.38
N PRO A 184 11.99 19.44 7.78
CA PRO A 184 12.96 20.48 8.14
C PRO A 184 13.22 21.47 7.01
N GLU A 185 13.51 20.98 5.80
CA GLU A 185 13.83 21.86 4.69
C GLU A 185 12.69 22.83 4.36
N ALA A 186 11.46 22.50 4.73
CA ALA A 186 10.34 23.40 4.50
C ALA A 186 10.12 24.34 5.68
N ALA A 187 10.29 23.84 6.90
CA ALA A 187 10.23 24.72 8.06
C ALA A 187 11.45 25.62 8.17
N LEU A 188 12.59 25.17 7.65
CA LEU A 188 13.83 25.94 7.73
C LEU A 188 14.05 26.74 6.45
N TYR A 189 14.15 26.07 5.30
CA TYR A 189 14.50 26.71 4.06
C TYR A 189 13.30 26.98 3.15
N GLY A 190 12.08 26.72 3.63
CA GLY A 190 10.91 26.99 2.83
C GLY A 190 10.73 26.09 1.64
N ARG A 191 11.44 24.96 1.59
CA ARG A 191 11.36 24.02 0.47
C ARG A 191 10.11 23.14 0.66
N PHE A 192 8.97 23.71 0.31
CA PHE A 192 7.69 23.00 0.37
C PHE A 192 7.49 22.28 -0.97
N THR A 193 7.77 21.00 -0.99
CA THR A 193 7.69 20.18 -2.19
C THR A 193 6.72 19.02 -1.98
N ILE A 194 6.63 18.15 -2.99
CA ILE A 194 5.75 16.99 -2.88
C ILE A 194 6.20 16.05 -1.78
N LYS A 195 7.49 16.07 -1.45
CA LYS A 195 8.04 15.24 -0.39
C LYS A 195 8.07 15.93 0.96
N SER A 196 7.77 17.23 1.00
CA SER A 196 7.60 17.91 2.28
C SER A 196 6.27 17.54 2.92
N ASP A 197 5.27 17.17 2.12
CA ASP A 197 4.01 16.67 2.64
C ASP A 197 4.03 15.18 2.90
N VAL A 198 4.89 14.44 2.20
CA VAL A 198 5.11 13.04 2.54
C VAL A 198 5.62 12.93 3.97
N TRP A 199 6.46 13.88 4.38
CA TRP A 199 6.87 13.96 5.78
C TRP A 199 5.66 14.15 6.69
N SER A 200 4.80 15.12 6.37
CA SER A 200 3.63 15.38 7.19
C SER A 200 2.69 14.19 7.21
N PHE A 201 2.70 13.37 6.15
CA PHE A 201 1.90 12.15 6.16
C PHE A 201 2.41 11.16 7.18
N GLY A 202 3.74 11.06 7.33
CA GLY A 202 4.31 10.20 8.35
C GLY A 202 3.97 10.66 9.75
N ILE A 203 3.89 11.98 9.96
CA ILE A 203 3.41 12.51 11.23
C ILE A 203 1.91 12.23 11.39
N LEU A 204 1.16 12.29 10.29
CA LEU A 204 -0.26 11.95 10.33
C LEU A 204 -0.46 10.49 10.74
N LEU A 205 0.48 9.61 10.38
CA LEU A 205 0.36 8.22 10.79
C LEU A 205 0.56 8.05 12.29
N THR A 206 1.40 8.89 12.89
CA THR A 206 1.52 8.87 14.35
C THR A 206 0.27 9.42 15.01
N GLU A 207 -0.38 10.41 14.39
CA GLU A 207 -1.66 10.90 14.91
C GLU A 207 -2.71 9.80 14.89
N LEU A 208 -2.78 9.04 13.81
CA LEU A 208 -3.77 7.98 13.69
C LEU A 208 -3.46 6.83 14.65
N THR A 209 -2.19 6.48 14.80
CA THR A 209 -1.83 5.34 15.64
C THR A 209 -1.97 5.66 17.13
N THR A 210 -1.75 6.90 17.52
CA THR A 210 -1.94 7.32 18.91
C THR A 210 -3.33 7.89 19.16
N LYS A 211 -4.19 7.94 18.14
CA LYS A 211 -5.55 8.45 18.25
C LYS A 211 -5.55 9.92 18.67
N GLY A 212 -4.92 10.75 17.85
CA GLY A 212 -5.02 12.18 17.97
C GLY A 212 -3.98 12.86 18.84
N ARG A 213 -3.04 12.11 19.41
CA ARG A 213 -2.04 12.72 20.28
C ARG A 213 -1.11 13.63 19.47
N VAL A 214 -0.52 14.60 20.17
CA VAL A 214 0.40 15.54 19.53
C VAL A 214 1.73 14.84 19.29
N PRO A 215 2.31 14.95 18.10
CA PRO A 215 3.62 14.34 17.85
C PRO A 215 4.68 14.93 18.77
N TYR A 216 5.72 14.14 19.03
CA TYR A 216 6.82 14.50 19.92
C TYR A 216 6.28 14.93 21.27
N PRO A 217 5.85 13.99 22.12
CA PRO A 217 5.29 14.37 23.42
C PRO A 217 6.34 15.00 24.32
N GLY A 218 5.94 16.09 24.98
CA GLY A 218 6.81 16.76 25.93
C GLY A 218 7.89 17.63 25.34
N MET A 219 7.88 17.83 24.02
CA MET A 219 8.88 18.65 23.35
C MET A 219 8.24 19.89 22.76
N VAL A 220 8.96 21.00 22.83
CA VAL A 220 8.48 22.27 22.28
C VAL A 220 8.90 22.36 20.82
N ASN A 221 8.42 23.38 20.12
CA ASN A 221 8.71 23.51 18.70
C ASN A 221 10.21 23.65 18.45
N ARG A 222 10.91 24.41 19.28
CA ARG A 222 12.35 24.59 19.09
C ARG A 222 13.10 23.30 19.40
N GLU A 223 12.68 22.57 20.44
CA GLU A 223 13.32 21.30 20.76
C GLU A 223 13.09 20.27 19.66
N VAL A 224 11.91 20.29 19.02
CA VAL A 224 11.67 19.39 17.90
C VAL A 224 12.58 19.75 16.73
N LEU A 225 12.70 21.06 16.44
CA LEU A 225 13.57 21.49 15.34
C LEU A 225 15.02 21.11 15.59
N ASP A 226 15.46 21.15 16.85
CA ASP A 226 16.85 20.82 17.16
C ASP A 226 17.09 19.32 17.07
N GLN A 227 16.17 18.51 17.60
CA GLN A 227 16.37 17.07 17.62
C GLN A 227 16.14 16.44 16.26
N VAL A 228 15.18 16.96 15.49
CA VAL A 228 14.94 16.44 14.15
C VAL A 228 16.13 16.73 13.25
N GLU A 229 16.74 17.91 13.39
CA GLU A 229 17.96 18.22 12.66
C GLU A 229 19.15 17.41 13.16
N ARG A 230 19.07 16.86 14.37
CA ARG A 230 20.10 15.99 14.91
C ARG A 230 19.87 14.52 14.57
N GLY A 231 18.84 14.21 13.78
CA GLY A 231 18.56 12.84 13.40
C GLY A 231 17.59 12.10 14.28
N TYR A 232 16.89 12.80 15.18
CA TYR A 232 15.93 12.13 16.06
C TYR A 232 14.62 11.91 15.34
N ARG A 233 14.07 10.71 15.48
CA ARG A 233 12.77 10.36 14.92
C ARG A 233 11.92 9.74 16.01
N MET A 234 10.61 9.94 15.90
CA MET A 234 9.68 9.42 16.90
C MET A 234 9.79 7.91 16.98
N PRO A 235 9.75 7.33 18.18
CA PRO A 235 9.84 5.87 18.30
C PRO A 235 8.53 5.19 17.88
N CYS A 236 8.50 3.87 18.00
CA CYS A 236 7.33 3.12 17.58
C CYS A 236 6.17 3.37 18.54
N PRO A 237 5.00 3.78 18.05
CA PRO A 237 3.86 3.93 18.93
C PRO A 237 3.51 2.61 19.60
N PRO A 238 2.96 2.65 20.80
CA PRO A 238 2.60 1.39 21.48
C PRO A 238 1.56 0.62 20.69
N GLU A 239 1.75 -0.69 20.60
CA GLU A 239 0.91 -1.62 19.84
C GLU A 239 0.93 -1.34 18.35
N CYS A 240 1.86 -0.52 17.87
CA CYS A 240 1.98 -0.29 16.43
C CYS A 240 2.99 -1.26 15.83
N PRO A 241 2.67 -1.90 14.70
CA PRO A 241 3.63 -2.82 14.10
C PRO A 241 4.83 -2.07 13.54
N GLU A 242 6.01 -2.66 13.74
CA GLU A 242 7.24 -2.04 13.25
C GLU A 242 7.19 -1.83 11.74
N SER A 243 6.45 -2.67 11.02
CA SER A 243 6.31 -2.51 9.58
C SER A 243 5.57 -1.23 9.21
N LEU A 244 4.77 -0.68 10.12
CA LEU A 244 4.12 0.60 9.88
C LEU A 244 4.98 1.77 10.34
N HIS A 245 5.72 1.60 11.44
CA HIS A 245 6.65 2.63 11.87
C HIS A 245 7.81 2.77 10.90
N ASP A 246 8.16 1.68 10.19
CA ASP A 246 9.13 1.78 9.11
C ASP A 246 8.63 2.71 8.02
N LEU A 247 7.34 2.63 7.69
CA LEU A 247 6.76 3.55 6.72
C LEU A 247 6.90 4.99 7.17
N MET A 248 6.72 5.25 8.47
CA MET A 248 6.88 6.60 8.99
C MET A 248 8.31 7.09 8.84
N CYS A 249 9.29 6.24 9.16
CA CYS A 249 10.69 6.64 9.01
C CYS A 249 11.04 6.92 7.55
N GLN A 250 10.46 6.16 6.62
CA GLN A 250 10.66 6.44 5.20
C GLN A 250 10.06 7.79 4.84
N CYS A 251 8.94 8.15 5.46
CA CYS A 251 8.38 9.49 5.26
C CYS A 251 9.26 10.55 5.90
N TRP A 252 10.03 10.19 6.93
CA TRP A 252 10.88 11.12 7.67
C TRP A 252 12.34 11.00 7.29
N ARG A 253 12.64 10.64 6.05
CA ARG A 253 14.03 10.59 5.61
C ARG A 253 14.56 12.00 5.39
N LYS A 254 15.82 12.23 5.76
CA LYS A 254 16.41 13.57 5.68
C LYS A 254 16.40 14.08 4.24
N ASP A 255 16.99 13.32 3.33
CA ASP A 255 16.97 13.70 1.92
C ASP A 255 15.56 13.59 1.36
N PRO A 256 14.97 14.68 0.87
CA PRO A 256 13.56 14.62 0.45
C PRO A 256 13.27 13.60 -0.64
N GLU A 257 14.23 13.30 -1.50
CA GLU A 257 13.98 12.37 -2.59
C GLU A 257 14.02 10.91 -2.15
N GLU A 258 14.58 10.62 -0.96
CA GLU A 258 14.49 9.26 -0.42
C GLU A 258 13.09 8.91 0.05
N ARG A 259 12.26 9.90 0.32
CA ARG A 259 10.92 9.65 0.83
C ARG A 259 10.06 8.98 -0.24
N PRO A 260 9.09 8.17 0.16
CA PRO A 260 8.26 7.47 -0.82
C PRO A 260 7.25 8.42 -1.46
N THR A 261 6.79 8.02 -2.63
CA THR A 261 5.71 8.75 -3.29
C THR A 261 4.39 8.43 -2.62
N PHE A 262 3.41 9.32 -2.81
CA PHE A 262 2.08 9.05 -2.28
C PHE A 262 1.41 7.92 -3.03
N GLU A 263 1.79 7.71 -4.29
CA GLU A 263 1.31 6.55 -5.04
C GLU A 263 1.78 5.26 -4.39
N TYR A 264 3.04 5.22 -3.96
CA TYR A 264 3.50 4.09 -3.16
C TYR A 264 2.84 4.06 -1.80
N LEU A 265 2.60 5.23 -1.21
CA LEU A 265 1.98 5.29 0.11
C LEU A 265 0.54 4.79 0.05
N GLN A 266 -0.20 5.16 -0.99
CA GLN A 266 -1.57 4.70 -1.13
C GLN A 266 -1.62 3.21 -1.45
N ALA A 267 -0.69 2.73 -2.28
CA ALA A 267 -0.65 1.31 -2.60
C ALA A 267 -0.23 0.47 -1.39
N PHE A 268 0.74 0.97 -0.62
CA PHE A 268 1.19 0.25 0.57
C PHE A 268 0.06 0.08 1.58
N LEU A 269 -0.65 1.18 1.87
CA LEU A 269 -1.67 1.14 2.90
C LEU A 269 -2.95 0.45 2.47
N GLU A 270 -3.18 0.27 1.16
CA GLU A 270 -4.37 -0.42 0.70
C GLU A 270 -4.23 -1.94 0.77
N ASP A 271 -3.01 -2.45 0.56
CA ASP A 271 -2.73 -3.88 0.64
C ASP A 271 -2.06 -4.27 1.94
N TYR A 272 -2.21 -3.45 2.98
CA TYR A 272 -1.38 -3.59 4.18
C TYR A 272 -1.58 -4.94 4.86
N PHE A 273 -2.83 -5.37 5.00
CA PHE A 273 -3.16 -6.56 5.79
C PHE A 273 -3.12 -7.84 4.97
N THR A 274 -2.68 -7.77 3.72
CA THR A 274 -2.38 -8.96 2.92
C THR A 274 -0.90 -9.10 2.63
N SER A 275 -0.24 -8.03 2.18
CA SER A 275 1.15 -8.08 1.75
C SER A 275 2.13 -7.80 2.88
N THR A 276 1.80 -6.88 3.79
CA THR A 276 2.72 -6.46 4.84
C THR A 276 2.47 -7.17 6.17
N GLU A 277 1.23 -7.17 6.65
CA GLU A 277 0.88 -7.79 7.94
C GLU A 277 -0.29 -8.75 7.75
N PRO A 278 -0.05 -9.90 7.13
CA PRO A 278 -1.14 -10.88 6.99
C PRO A 278 -1.52 -11.56 8.30
N GLN A 279 -0.61 -11.62 9.27
CA GLN A 279 -0.86 -12.25 10.56
C GLN A 279 -1.16 -11.23 11.65
N TYR A 280 -1.97 -10.22 11.33
CA TYR A 280 -2.29 -9.18 12.29
C TYR A 280 -3.32 -9.67 13.29
N GLN A 281 -3.02 -9.51 14.58
CA GLN A 281 -3.93 -9.84 15.66
C GLN A 281 -4.29 -8.58 16.42
N PRO A 282 -5.56 -8.37 16.74
CA PRO A 282 -5.95 -7.10 17.40
C PRO A 282 -5.48 -7.05 18.85
N GLY A 283 -5.13 -5.85 19.28
CA GLY A 283 -4.74 -5.58 20.64
C GLY A 283 -5.79 -4.81 21.40
N GLU A 284 -5.43 -4.41 22.62
CA GLU A 284 -6.35 -3.63 23.45
C GLU A 284 -6.62 -2.25 22.85
N ASN A 285 -5.63 -1.67 22.16
CA ASN A 285 -5.75 -0.34 21.59
C ASN A 285 -5.69 -0.33 20.07
N LEU A 286 -4.80 -1.13 19.47
CA LEU A 286 -4.67 -1.16 18.02
C LEU A 286 -4.94 -2.56 17.47
N LEU B 22 21.38 -17.05 13.08
CA LEU B 22 22.54 -16.38 13.64
C LEU B 22 22.50 -14.85 13.74
N GLU B 23 22.76 -14.17 12.65
CA GLU B 23 22.84 -12.72 12.66
C GLU B 23 21.78 -11.69 12.46
N VAL B 24 21.11 -11.72 11.32
CA VAL B 24 20.08 -10.70 10.98
C VAL B 24 18.71 -11.37 10.88
N LYS B 25 17.71 -10.83 11.59
CA LYS B 25 16.37 -11.36 11.56
C LYS B 25 15.59 -10.83 10.40
N LEU B 26 15.30 -11.69 9.44
CA LEU B 26 14.62 -11.24 8.23
C LEU B 26 13.10 -11.35 8.32
N GLY B 27 12.58 -11.98 9.37
CA GLY B 27 11.15 -12.15 9.52
C GLY B 27 10.81 -13.21 10.54
N GLN B 28 9.71 -13.01 11.27
CA GLN B 28 9.30 -13.93 12.33
C GLN B 28 7.83 -14.26 12.18
N GLY B 29 7.39 -15.24 12.97
CA GLY B 29 6.00 -15.67 12.94
C GLY B 29 5.86 -17.17 12.75
N GLU B 33 10.74 -18.01 13.70
CA GLU B 33 11.55 -16.93 13.16
C GLU B 33 12.43 -17.41 12.00
N VAL B 34 12.79 -16.48 11.12
CA VAL B 34 13.68 -16.75 9.99
C VAL B 34 14.84 -15.78 10.07
N TRP B 35 16.06 -16.30 10.04
CA TRP B 35 17.27 -15.51 10.16
C TRP B 35 18.22 -15.83 9.03
N MET B 36 19.19 -14.93 8.82
CA MET B 36 20.31 -15.18 7.94
C MET B 36 21.60 -15.18 8.75
N GLY B 37 22.56 -15.98 8.34
CA GLY B 37 23.82 -16.06 9.05
C GLY B 37 24.92 -16.77 8.27
N THR B 38 25.75 -17.52 8.97
CA THR B 38 26.86 -18.24 8.36
C THR B 38 26.76 -19.72 8.71
N TRP B 39 27.30 -20.56 7.82
CA TRP B 39 27.38 -21.99 8.02
C TRP B 39 28.83 -22.41 7.89
N ASN B 40 29.38 -22.98 8.96
CA ASN B 40 30.79 -23.38 9.04
C ASN B 40 31.74 -22.21 8.83
N GLY B 41 31.29 -20.98 9.11
CA GLY B 41 32.11 -19.80 8.98
C GLY B 41 32.35 -19.31 7.57
N THR B 42 31.87 -20.03 6.56
CA THR B 42 32.12 -19.66 5.17
C THR B 42 30.84 -19.26 4.44
N THR B 43 29.91 -20.19 4.26
CA THR B 43 28.73 -19.93 3.44
C THR B 43 27.75 -19.01 4.17
N ARG B 44 27.15 -18.10 3.41
CA ARG B 44 26.10 -17.22 3.91
C ARG B 44 24.75 -17.86 3.61
N VAL B 45 24.01 -18.21 4.66
CA VAL B 45 22.81 -19.04 4.53
C VAL B 45 21.60 -18.34 5.13
N ALA B 46 20.49 -19.07 5.23
CA ALA B 46 19.30 -18.64 5.93
C ALA B 46 18.79 -19.80 6.77
N ILE B 47 18.28 -19.50 7.97
CA ILE B 47 17.86 -20.52 8.91
C ILE B 47 16.41 -20.25 9.32
N LYS B 48 15.58 -21.28 9.22
CA LYS B 48 14.20 -21.22 9.73
C LYS B 48 14.15 -21.93 11.07
N THR B 49 13.82 -21.20 12.11
CA THR B 49 13.79 -21.72 13.48
C THR B 49 12.37 -22.11 13.85
N LEU B 50 12.24 -23.27 14.49
CA LEU B 50 10.97 -23.73 15.03
C LEU B 50 10.94 -23.42 16.52
N LYS B 51 9.94 -22.66 16.94
CA LYS B 51 9.78 -22.33 18.35
C LYS B 51 9.37 -23.57 19.13
N PRO B 52 10.16 -24.02 20.11
CA PRO B 52 9.79 -25.22 20.88
C PRO B 52 8.36 -25.17 21.41
N GLY B 53 7.56 -26.15 21.02
CA GLY B 53 6.16 -26.18 21.37
C GLY B 53 5.22 -25.71 20.28
N THR B 54 5.57 -25.92 19.00
CA THR B 54 4.75 -25.45 17.89
C THR B 54 4.25 -26.67 17.14
N MET B 55 4.94 -27.14 16.11
CA MET B 55 4.53 -28.30 15.34
C MET B 55 5.40 -29.50 15.73
N SER B 56 5.19 -30.61 15.03
CA SER B 56 5.87 -31.85 15.38
C SER B 56 7.35 -31.79 15.06
N PRO B 57 8.26 -31.94 16.05
CA PRO B 57 9.69 -32.02 15.80
C PRO B 57 10.10 -33.31 15.10
N PHE B 60 6.64 -30.14 11.63
CA PHE B 60 7.49 -29.05 11.16
C PHE B 60 8.52 -29.56 10.16
N LEU B 61 8.91 -30.83 10.30
CA LEU B 61 9.88 -31.44 9.41
C LEU B 61 9.26 -31.97 8.12
N GLN B 62 7.98 -31.68 7.88
CA GLN B 62 7.36 -32.08 6.61
C GLN B 62 7.90 -31.25 5.45
N GLU B 63 8.24 -29.98 5.70
CA GLU B 63 8.81 -29.13 4.66
C GLU B 63 10.27 -29.45 4.40
N ALA B 64 10.98 -30.06 5.36
CA ALA B 64 12.37 -30.42 5.16
C ALA B 64 12.51 -31.75 4.43
N GLN B 65 11.70 -32.73 4.82
CA GLN B 65 11.71 -34.02 4.12
C GLN B 65 11.21 -33.87 2.69
N VAL B 66 10.40 -32.86 2.42
CA VAL B 66 9.97 -32.56 1.05
C VAL B 66 11.09 -31.87 0.29
N MET B 67 11.73 -30.88 0.91
CA MET B 67 12.83 -30.17 0.27
C MET B 67 14.08 -31.03 0.13
N LYS B 68 14.14 -32.18 0.80
CA LYS B 68 15.27 -33.08 0.64
C LYS B 68 15.19 -33.89 -0.65
N LYS B 69 13.98 -34.23 -1.08
CA LYS B 69 13.81 -35.01 -2.31
C LYS B 69 14.01 -34.14 -3.55
N LEU B 70 13.49 -32.91 -3.53
CA LEU B 70 13.57 -32.04 -4.69
C LEU B 70 14.89 -31.30 -4.73
N ARG B 71 15.45 -31.16 -5.93
CA ARG B 71 16.71 -30.45 -6.12
C ARG B 71 16.71 -29.87 -7.53
N HIS B 72 16.58 -28.55 -7.63
CA HIS B 72 16.50 -27.87 -8.91
C HIS B 72 17.09 -26.46 -8.76
N GLU B 73 17.63 -25.95 -9.86
CA GLU B 73 18.24 -24.62 -9.84
C GLU B 73 17.24 -23.50 -9.65
N LYS B 74 15.94 -23.79 -9.74
CA LYS B 74 14.88 -22.80 -9.59
C LYS B 74 14.05 -23.03 -8.33
N LEU B 75 14.52 -23.87 -7.42
CA LEU B 75 13.89 -24.08 -6.12
C LEU B 75 14.90 -23.78 -5.02
N VAL B 76 14.43 -23.10 -3.96
CA VAL B 76 15.32 -22.75 -2.86
C VAL B 76 15.87 -24.03 -2.24
N GLN B 77 17.19 -24.17 -2.25
CA GLN B 77 17.83 -25.43 -1.90
C GLN B 77 17.99 -25.58 -0.39
N LEU B 78 17.66 -26.77 0.11
CA LEU B 78 17.86 -27.11 1.50
C LEU B 78 19.33 -27.42 1.75
N TYR B 79 19.92 -26.76 2.74
CA TYR B 79 21.33 -26.96 3.07
C TYR B 79 21.49 -28.03 4.14
N ALA B 80 21.10 -27.71 5.39
CA ALA B 80 21.23 -28.62 6.50
C ALA B 80 19.99 -28.52 7.38
N VAL B 81 19.87 -29.46 8.31
CA VAL B 81 18.72 -29.56 9.20
C VAL B 81 19.21 -29.98 10.59
N VAL B 82 18.59 -29.43 11.63
CA VAL B 82 18.78 -29.89 13.00
C VAL B 82 17.41 -30.35 13.49
N SER B 83 17.20 -31.67 13.54
CA SER B 83 15.88 -32.23 13.78
C SER B 83 15.49 -32.23 15.26
N GLU B 84 16.46 -32.23 16.18
CA GLU B 84 16.16 -32.25 17.60
C GLU B 84 16.00 -30.81 18.11
N GLU B 85 14.89 -30.56 18.79
CA GLU B 85 14.57 -29.20 19.23
C GLU B 85 15.64 -28.69 20.19
N PRO B 86 16.08 -27.43 20.06
CA PRO B 86 15.63 -26.41 19.09
C PRO B 86 15.99 -26.76 17.63
N ILE B 87 14.99 -26.63 16.75
CA ILE B 87 15.07 -27.06 15.37
C ILE B 87 15.64 -25.92 14.51
N TYR B 88 16.44 -26.28 13.52
CA TYR B 88 17.03 -25.32 12.59
C TYR B 88 17.02 -25.93 11.20
N ILE B 89 16.23 -25.35 10.29
CA ILE B 89 16.24 -25.74 8.89
C ILE B 89 17.12 -24.73 8.16
N VAL B 90 18.24 -25.20 7.62
CA VAL B 90 19.21 -24.35 6.94
C VAL B 90 19.00 -24.49 5.44
N THR B 91 18.73 -23.37 4.78
CA THR B 91 18.60 -23.33 3.33
C THR B 91 19.54 -22.27 2.78
N GLU B 92 19.51 -22.09 1.45
CA GLU B 92 20.34 -21.09 0.83
C GLU B 92 19.81 -19.68 1.12
N TYR B 93 20.66 -18.69 0.94
CA TYR B 93 20.33 -17.30 1.24
C TYR B 93 20.03 -16.56 -0.06
N MET B 94 18.84 -15.97 -0.12
CA MET B 94 18.44 -15.12 -1.25
C MET B 94 18.58 -13.67 -0.81
N SER B 95 19.58 -12.98 -1.37
CA SER B 95 20.00 -11.67 -0.90
C SER B 95 19.07 -10.55 -1.33
N LYS B 96 17.90 -10.86 -1.88
CA LYS B 96 16.95 -9.82 -2.30
C LYS B 96 15.59 -9.93 -1.62
N GLY B 97 15.28 -11.05 -0.99
CA GLY B 97 14.03 -11.18 -0.27
C GLY B 97 12.91 -11.77 -1.11
N SER B 98 11.71 -11.71 -0.55
CA SER B 98 10.54 -12.24 -1.21
C SER B 98 10.20 -11.42 -2.45
N LEU B 99 9.64 -12.11 -3.45
CA LEU B 99 9.29 -11.45 -4.71
C LEU B 99 8.21 -10.39 -4.51
N LEU B 100 7.36 -10.56 -3.50
CA LEU B 100 6.34 -9.55 -3.20
C LEU B 100 6.98 -8.29 -2.63
N ASP B 101 8.03 -8.43 -1.82
CA ASP B 101 8.72 -7.28 -1.28
C ASP B 101 9.61 -6.60 -2.31
N PHE B 102 10.20 -7.38 -3.23
CA PHE B 102 10.98 -6.79 -4.31
C PHE B 102 10.10 -6.01 -5.27
N LEU B 103 8.96 -6.58 -5.65
CA LEU B 103 8.04 -5.91 -6.57
C LEU B 103 7.49 -4.63 -5.95
N LYS B 104 7.16 -4.67 -4.65
CA LYS B 104 6.53 -3.53 -4.00
C LYS B 104 7.53 -2.44 -3.64
N GLY B 105 8.78 -2.81 -3.38
CA GLY B 105 9.74 -1.88 -2.83
C GLY B 105 10.33 -0.87 -3.79
N GLU B 106 11.62 -0.56 -3.59
CA GLU B 106 12.29 0.46 -4.40
C GLU B 106 12.53 -0.02 -5.83
N MET B 107 12.87 -1.30 -5.99
CA MET B 107 13.25 -1.82 -7.28
C MET B 107 12.07 -2.05 -8.21
N GLY B 108 10.87 -2.24 -7.68
CA GLY B 108 9.71 -2.46 -8.51
C GLY B 108 9.51 -1.37 -9.54
N LYS B 109 9.75 -0.12 -9.15
CA LYS B 109 9.57 1.01 -10.07
C LYS B 109 10.42 0.86 -11.33
N TYR B 110 11.54 0.15 -11.24
CA TYR B 110 12.46 0.03 -12.37
C TYR B 110 12.24 -1.23 -13.21
N LEU B 111 11.51 -2.21 -12.69
CA LEU B 111 11.31 -3.46 -13.42
C LEU B 111 10.32 -3.27 -14.55
N ARG B 112 10.67 -3.74 -15.74
CA ARG B 112 9.82 -3.66 -16.92
C ARG B 112 9.40 -5.06 -17.35
N LEU B 113 8.49 -5.09 -18.33
CA LEU B 113 7.96 -6.35 -18.84
C LEU B 113 9.04 -7.36 -19.25
N PRO B 114 10.14 -7.00 -19.91
CA PRO B 114 11.18 -8.00 -20.18
C PRO B 114 11.78 -8.61 -18.92
N GLN B 115 11.90 -7.83 -17.84
CA GLN B 115 12.42 -8.37 -16.59
C GLN B 115 11.36 -9.12 -15.80
N LEU B 116 10.09 -8.73 -15.95
CA LEU B 116 9.02 -9.42 -15.24
C LEU B 116 8.66 -10.73 -15.92
N VAL B 117 8.57 -10.74 -17.25
CA VAL B 117 8.25 -11.96 -17.97
C VAL B 117 9.35 -13.00 -17.77
N ASP B 118 10.60 -12.54 -17.73
CA ASP B 118 11.71 -13.46 -17.50
C ASP B 118 11.69 -14.03 -16.09
N MET B 119 11.23 -13.24 -15.11
CA MET B 119 11.07 -13.78 -13.77
C MET B 119 10.02 -14.88 -13.74
N ALA B 120 8.90 -14.67 -14.44
CA ALA B 120 7.86 -15.69 -14.51
C ALA B 120 8.35 -16.94 -15.23
N ALA B 121 9.22 -16.78 -16.23
CA ALA B 121 9.80 -17.94 -16.89
C ALA B 121 10.68 -18.74 -15.94
N GLN B 122 11.36 -18.06 -15.01
CA GLN B 122 12.14 -18.77 -14.00
C GLN B 122 11.24 -19.47 -13.00
N ILE B 123 10.13 -18.83 -12.64
CA ILE B 123 9.17 -19.45 -11.73
C ILE B 123 8.51 -20.65 -12.40
N ALA B 124 8.10 -20.49 -13.68
CA ALA B 124 7.49 -21.60 -14.39
C ALA B 124 8.48 -22.74 -14.61
N SER B 125 9.78 -22.45 -14.65
CA SER B 125 10.78 -23.50 -14.81
C SER B 125 10.82 -24.40 -13.59
N GLY B 126 10.89 -23.81 -12.40
CA GLY B 126 10.89 -24.62 -11.19
C GLY B 126 9.57 -25.31 -10.96
N MET B 127 8.46 -24.63 -11.26
CA MET B 127 7.15 -25.26 -11.16
C MET B 127 7.00 -26.36 -12.20
N ALA B 128 7.75 -26.29 -13.31
CA ALA B 128 7.78 -27.40 -14.25
C ALA B 128 8.51 -28.60 -13.67
N TYR B 129 9.58 -28.35 -12.90
CA TYR B 129 10.27 -29.44 -12.22
C TYR B 129 9.36 -30.10 -11.19
N VAL B 130 8.61 -29.29 -10.43
CA VAL B 130 7.62 -29.84 -9.51
C VAL B 130 6.56 -30.61 -10.28
N GLU B 131 6.19 -30.11 -11.47
CA GLU B 131 5.23 -30.81 -12.32
C GLU B 131 5.80 -32.13 -12.80
N ARG B 132 7.11 -32.18 -13.08
CA ARG B 132 7.72 -33.42 -13.54
C ARG B 132 7.85 -34.45 -12.43
N MET B 133 7.97 -33.99 -11.19
CA MET B 133 8.15 -34.88 -10.03
C MET B 133 6.84 -35.32 -9.41
N ASN B 134 5.70 -35.02 -10.04
CA ASN B 134 4.38 -35.39 -9.53
C ASN B 134 4.14 -34.82 -8.14
N TYR B 135 4.52 -33.56 -7.95
CA TYR B 135 4.35 -32.85 -6.69
C TYR B 135 3.40 -31.66 -6.89
N VAL B 136 2.98 -31.07 -5.78
CA VAL B 136 2.14 -29.88 -5.78
C VAL B 136 2.71 -28.89 -4.78
N HIS B 137 2.37 -27.61 -4.98
CA HIS B 137 2.84 -26.54 -4.11
C HIS B 137 1.78 -26.05 -3.13
N ARG B 138 0.54 -25.93 -3.59
CA ARG B 138 -0.60 -25.54 -2.76
C ARG B 138 -0.53 -24.11 -2.24
N ASP B 139 0.59 -23.43 -2.47
CA ASP B 139 0.77 -22.07 -1.98
C ASP B 139 1.70 -21.29 -2.90
N LEU B 140 1.33 -21.19 -4.18
CA LEU B 140 2.12 -20.45 -5.15
C LEU B 140 1.68 -18.99 -5.15
N ARG B 141 2.62 -18.10 -4.82
CA ARG B 141 2.37 -16.67 -4.82
C ARG B 141 3.71 -15.95 -4.77
N ALA B 142 3.69 -14.66 -5.08
CA ALA B 142 4.91 -13.86 -5.04
C ALA B 142 5.53 -13.84 -3.65
N ALA B 143 4.69 -13.86 -2.60
CA ALA B 143 5.20 -13.94 -1.24
C ALA B 143 5.99 -15.21 -0.98
N ASN B 144 5.74 -16.28 -1.73
CA ASN B 144 6.44 -17.55 -1.57
C ASN B 144 7.50 -17.76 -2.65
N ILE B 145 7.88 -16.71 -3.36
CA ILE B 145 8.99 -16.73 -4.30
C ILE B 145 10.08 -15.83 -3.75
N LEU B 146 11.34 -16.26 -3.89
CA LEU B 146 12.48 -15.53 -3.39
C LEU B 146 13.38 -15.10 -4.53
N VAL B 147 13.90 -13.87 -4.44
CA VAL B 147 14.76 -13.30 -5.46
C VAL B 147 16.18 -13.21 -4.92
N GLY B 148 17.15 -13.31 -5.81
CA GLY B 148 18.56 -13.21 -5.47
C GLY B 148 19.27 -12.26 -6.41
N GLU B 149 20.56 -12.54 -6.63
CA GLU B 149 21.34 -11.73 -7.55
C GLU B 149 21.05 -12.15 -8.98
N ASN B 150 21.30 -11.21 -9.91
CA ASN B 150 21.04 -11.40 -11.34
C ASN B 150 19.55 -11.62 -11.63
N LEU B 151 18.70 -11.07 -10.77
CA LEU B 151 17.23 -11.21 -10.89
C LEU B 151 16.80 -12.66 -10.89
N VAL B 152 17.51 -13.50 -10.14
CA VAL B 152 17.21 -14.93 -10.08
C VAL B 152 16.09 -15.16 -9.10
N CYS B 153 15.04 -15.86 -9.55
CA CYS B 153 13.87 -16.13 -8.73
C CYS B 153 13.73 -17.64 -8.53
N LYS B 154 13.40 -18.03 -7.29
CA LYS B 154 13.24 -19.43 -6.93
C LYS B 154 11.97 -19.60 -6.11
N VAL B 155 11.22 -20.67 -6.41
CA VAL B 155 10.03 -21.00 -5.65
C VAL B 155 10.45 -21.58 -4.30
N ALA B 156 9.71 -21.22 -3.24
CA ALA B 156 10.08 -21.62 -1.90
C ALA B 156 8.82 -21.94 -1.11
N ASP B 157 8.98 -22.02 0.21
CA ASP B 157 7.92 -22.34 1.16
C ASP B 157 7.17 -23.67 1.06
N PHE B 158 7.92 -24.76 0.87
CA PHE B 158 7.35 -26.09 0.72
C PHE B 158 6.69 -26.74 1.93
N ARG B 162 3.30 -34.86 -2.35
CA ARG B 162 3.54 -35.82 -3.42
C ARG B 162 2.23 -36.41 -3.92
N LEU B 163 1.95 -36.19 -5.21
CA LEU B 163 0.73 -36.67 -5.86
C LEU B 163 -0.51 -36.18 -5.14
N PHE B 177 -6.34 -21.59 3.42
CA PHE B 177 -5.58 -21.20 2.25
C PHE B 177 -5.97 -19.81 1.79
N PRO B 178 -5.00 -19.06 1.23
CA PRO B 178 -5.34 -17.78 0.57
C PRO B 178 -6.27 -18.01 -0.61
N ILE B 179 -7.55 -17.69 -0.44
CA ILE B 179 -8.54 -17.99 -1.47
C ILE B 179 -8.29 -17.19 -2.74
N LYS B 180 -7.72 -16.00 -2.62
CA LYS B 180 -7.46 -15.17 -3.80
C LYS B 180 -6.41 -15.75 -4.71
N TRP B 181 -5.56 -16.66 -4.19
CA TRP B 181 -4.56 -17.34 -5.00
C TRP B 181 -4.92 -18.79 -5.32
N THR B 182 -5.90 -19.35 -4.61
CA THR B 182 -6.26 -20.76 -4.78
C THR B 182 -7.31 -20.91 -5.88
N ALA B 183 -7.21 -22.01 -6.61
CA ALA B 183 -8.22 -22.32 -7.61
C ALA B 183 -9.54 -22.63 -6.92
N PRO B 184 -10.67 -22.30 -7.56
CA PRO B 184 -11.97 -22.58 -6.92
C PRO B 184 -12.20 -24.04 -6.60
N GLU B 185 -11.71 -24.96 -7.44
CA GLU B 185 -11.89 -26.37 -7.15
C GLU B 185 -11.05 -26.81 -5.95
N ALA B 186 -9.90 -26.17 -5.73
CA ALA B 186 -9.09 -26.49 -4.57
C ALA B 186 -9.51 -25.71 -3.34
N ALA B 187 -10.20 -24.59 -3.52
CA ALA B 187 -10.66 -23.80 -2.39
C ALA B 187 -11.98 -24.37 -1.84
N LEU B 188 -12.82 -24.89 -2.71
CA LEU B 188 -14.12 -25.39 -2.29
C LEU B 188 -14.13 -26.90 -2.04
N TYR B 189 -13.31 -27.66 -2.78
CA TYR B 189 -13.33 -29.11 -2.68
C TYR B 189 -11.97 -29.69 -2.29
N GLY B 190 -10.92 -28.88 -2.20
CA GLY B 190 -9.63 -29.42 -1.84
C GLY B 190 -8.94 -30.16 -2.96
N ARG B 191 -9.41 -30.00 -4.20
CA ARG B 191 -8.80 -30.66 -5.36
C ARG B 191 -7.49 -29.95 -5.70
N PHE B 192 -6.47 -30.23 -4.90
CA PHE B 192 -5.16 -29.61 -5.06
C PHE B 192 -4.32 -30.46 -6.00
N THR B 193 -4.26 -30.07 -7.26
CA THR B 193 -3.46 -30.71 -8.28
C THR B 193 -2.41 -29.73 -8.78
N ILE B 194 -1.52 -30.21 -9.67
CA ILE B 194 -0.58 -29.33 -10.32
C ILE B 194 -1.31 -28.31 -11.20
N LYS B 195 -2.54 -28.61 -11.59
CA LYS B 195 -3.34 -27.67 -12.37
C LYS B 195 -4.00 -26.61 -11.51
N SER B 196 -4.11 -26.84 -10.20
CA SER B 196 -4.54 -25.78 -9.29
C SER B 196 -3.41 -24.81 -9.03
N ASP B 197 -2.15 -25.28 -9.09
CA ASP B 197 -1.01 -24.38 -9.02
C ASP B 197 -0.93 -23.51 -10.27
N VAL B 198 -1.31 -24.04 -11.42
CA VAL B 198 -1.36 -23.25 -12.65
C VAL B 198 -2.27 -22.04 -12.46
N TRP B 199 -3.41 -22.24 -11.77
CA TRP B 199 -4.27 -21.11 -11.43
C TRP B 199 -3.51 -20.07 -10.62
N SER B 200 -2.68 -20.50 -9.67
CA SER B 200 -1.95 -19.56 -8.83
C SER B 200 -0.80 -18.90 -9.57
N PHE B 201 -0.25 -19.58 -10.59
CA PHE B 201 0.73 -18.91 -11.45
C PHE B 201 0.07 -17.80 -12.26
N GLY B 202 -1.16 -18.03 -12.72
CA GLY B 202 -1.92 -16.96 -13.35
C GLY B 202 -2.16 -15.80 -12.43
N ILE B 203 -2.37 -16.06 -11.14
CA ILE B 203 -2.45 -14.99 -10.16
C ILE B 203 -1.07 -14.40 -9.92
N LEU B 204 -0.04 -15.24 -9.92
CA LEU B 204 1.34 -14.76 -9.77
C LEU B 204 1.74 -13.89 -10.95
N LEU B 205 1.16 -14.12 -12.12
CA LEU B 205 1.44 -13.27 -13.27
C LEU B 205 0.79 -11.90 -13.13
N THR B 206 -0.36 -11.83 -12.44
CA THR B 206 -0.95 -10.54 -12.13
C THR B 206 -0.13 -9.79 -11.09
N GLU B 207 0.51 -10.52 -10.16
CA GLU B 207 1.35 -9.88 -9.16
C GLU B 207 2.54 -9.20 -9.80
N LEU B 208 3.08 -9.81 -10.87
CA LEU B 208 4.24 -9.22 -11.54
C LEU B 208 3.84 -7.98 -12.34
N THR B 209 2.80 -8.09 -13.17
CA THR B 209 2.43 -6.98 -14.03
C THR B 209 1.87 -5.80 -13.24
N THR B 210 1.21 -6.05 -12.11
CA THR B 210 0.73 -5.00 -11.24
C THR B 210 1.80 -4.52 -10.26
N LYS B 211 2.98 -5.13 -10.28
CA LYS B 211 4.11 -4.74 -9.44
C LYS B 211 3.80 -4.92 -7.96
N GLY B 212 3.22 -6.07 -7.61
CA GLY B 212 3.03 -6.46 -6.23
C GLY B 212 1.66 -6.18 -5.65
N ARG B 213 0.71 -5.70 -6.44
CA ARG B 213 -0.61 -5.40 -5.91
C ARG B 213 -1.36 -6.69 -5.60
N VAL B 214 -2.43 -6.55 -4.82
CA VAL B 214 -3.23 -7.68 -4.39
C VAL B 214 -4.26 -7.99 -5.47
N PRO B 215 -4.46 -9.27 -5.81
CA PRO B 215 -5.46 -9.61 -6.82
C PRO B 215 -6.86 -9.23 -6.36
N TYR B 216 -7.73 -8.98 -7.34
CA TYR B 216 -9.10 -8.54 -7.11
C TYR B 216 -9.10 -7.31 -6.22
N PRO B 217 -8.65 -6.16 -6.72
CA PRO B 217 -8.65 -4.95 -5.90
C PRO B 217 -10.08 -4.51 -5.57
N GLY B 218 -10.31 -4.20 -4.30
CA GLY B 218 -11.63 -3.78 -3.86
C GLY B 218 -12.59 -4.92 -3.64
N MET B 219 -12.10 -6.14 -3.48
CA MET B 219 -12.95 -7.31 -3.30
C MET B 219 -12.44 -8.12 -2.11
N VAL B 220 -13.38 -8.59 -1.28
CA VAL B 220 -13.05 -9.42 -0.14
C VAL B 220 -13.03 -10.88 -0.57
N ASN B 221 -12.52 -11.76 0.30
CA ASN B 221 -12.34 -13.16 -0.08
C ASN B 221 -13.68 -13.81 -0.42
N ARG B 222 -14.75 -13.44 0.28
CA ARG B 222 -16.07 -13.98 -0.04
C ARG B 222 -16.53 -13.52 -1.42
N GLU B 223 -16.34 -12.24 -1.72
CA GLU B 223 -16.74 -11.72 -3.03
C GLU B 223 -15.86 -12.30 -4.14
N VAL B 224 -14.60 -12.58 -3.85
CA VAL B 224 -13.71 -13.18 -4.84
C VAL B 224 -14.23 -14.55 -5.26
N LEU B 225 -14.43 -15.44 -4.28
CA LEU B 225 -14.96 -16.77 -4.58
C LEU B 225 -16.33 -16.70 -5.25
N ASP B 226 -17.11 -15.67 -4.91
CA ASP B 226 -18.43 -15.52 -5.53
C ASP B 226 -18.31 -15.23 -7.02
N GLN B 227 -17.71 -14.09 -7.38
CA GLN B 227 -17.64 -13.70 -8.78
C GLN B 227 -16.84 -14.70 -9.62
N VAL B 228 -15.82 -15.32 -9.05
CA VAL B 228 -15.02 -16.30 -9.80
C VAL B 228 -15.88 -17.48 -10.21
N GLU B 229 -16.71 -17.98 -9.29
CA GLU B 229 -17.63 -19.06 -9.63
C GLU B 229 -18.68 -18.61 -10.65
N ARG B 230 -18.90 -17.31 -10.77
CA ARG B 230 -19.83 -16.77 -11.76
C ARG B 230 -19.16 -16.47 -13.09
N GLY B 231 -17.86 -16.78 -13.22
CA GLY B 231 -17.14 -16.59 -14.46
C GLY B 231 -16.27 -15.35 -14.52
N TYR B 232 -16.22 -14.56 -13.45
CA TYR B 232 -15.44 -13.32 -13.47
C TYR B 232 -13.95 -13.61 -13.44
N ARG B 233 -13.20 -12.92 -14.28
CA ARG B 233 -11.74 -13.02 -14.32
C ARG B 233 -11.14 -11.62 -14.25
N MET B 234 -9.96 -11.55 -13.66
CA MET B 234 -9.28 -10.26 -13.51
C MET B 234 -9.01 -9.66 -14.89
N PRO B 235 -9.29 -8.37 -15.10
CA PRO B 235 -9.08 -7.79 -16.43
C PRO B 235 -7.62 -7.61 -16.78
N CYS B 236 -7.35 -7.13 -17.98
CA CYS B 236 -5.98 -6.93 -18.41
C CYS B 236 -5.38 -5.75 -17.64
N PRO B 237 -4.21 -5.94 -17.00
CA PRO B 237 -3.60 -4.82 -16.29
C PRO B 237 -3.21 -3.73 -17.27
N PRO B 238 -3.17 -2.47 -16.82
CA PRO B 238 -2.74 -1.39 -17.71
C PRO B 238 -1.30 -1.59 -18.16
N GLU B 239 -1.06 -1.32 -19.45
CA GLU B 239 0.22 -1.49 -20.14
C GLU B 239 0.63 -2.95 -20.25
N CYS B 240 -0.24 -3.90 -19.88
CA CYS B 240 0.07 -5.31 -20.04
C CYS B 240 -0.42 -5.80 -21.39
N PRO B 241 0.40 -6.52 -22.15
CA PRO B 241 -0.05 -7.00 -23.46
C PRO B 241 -1.18 -8.01 -23.34
N GLU B 242 -2.15 -7.90 -24.25
CA GLU B 242 -3.28 -8.83 -24.25
C GLU B 242 -2.84 -10.26 -24.47
N SER B 243 -1.70 -10.46 -25.14
CA SER B 243 -1.16 -11.80 -25.33
C SER B 243 -0.69 -12.43 -24.03
N LEU B 244 -0.34 -11.62 -23.03
CA LEU B 244 0.00 -12.14 -21.71
C LEU B 244 -1.22 -12.29 -20.82
N HIS B 245 -2.21 -11.41 -20.97
CA HIS B 245 -3.47 -11.60 -20.25
C HIS B 245 -4.21 -12.84 -20.75
N ASP B 246 -4.06 -13.17 -22.02
CA ASP B 246 -4.64 -14.41 -22.54
C ASP B 246 -4.03 -15.61 -21.86
N LEU B 247 -2.70 -15.65 -21.74
CA LEU B 247 -2.03 -16.74 -21.04
C LEU B 247 -2.50 -16.82 -19.60
N MET B 248 -2.78 -15.68 -18.98
CA MET B 248 -3.38 -15.67 -17.65
C MET B 248 -4.72 -16.39 -17.65
N CYS B 249 -5.58 -16.06 -18.62
CA CYS B 249 -6.90 -16.68 -18.69
C CYS B 249 -6.81 -18.16 -18.98
N GLN B 250 -5.86 -18.63 -19.75
CA GLN B 250 -5.65 -20.02 -19.95
C GLN B 250 -5.32 -20.72 -18.65
N CYS B 251 -4.62 -20.09 -17.71
CA CYS B 251 -4.40 -20.64 -16.39
C CYS B 251 -5.63 -20.55 -15.50
N TRP B 252 -6.60 -19.70 -15.86
CA TRP B 252 -7.81 -19.51 -15.09
C TRP B 252 -9.02 -20.20 -15.70
N ARG B 253 -8.82 -21.11 -16.65
CA ARG B 253 -9.94 -21.85 -17.20
C ARG B 253 -10.59 -22.68 -16.09
N LYS B 254 -11.92 -22.62 -16.02
CA LYS B 254 -12.63 -23.24 -14.91
C LYS B 254 -12.38 -24.73 -14.82
N ASP B 255 -12.19 -25.38 -15.97
CA ASP B 255 -11.89 -26.81 -15.98
C ASP B 255 -10.39 -27.02 -15.76
N PRO B 256 -9.98 -27.67 -14.66
CA PRO B 256 -8.54 -27.78 -14.36
C PRO B 256 -7.73 -28.50 -15.42
N GLU B 257 -8.36 -29.25 -16.32
CA GLU B 257 -7.59 -30.00 -17.32
C GLU B 257 -7.45 -29.26 -18.63
N GLU B 258 -8.16 -28.14 -18.84
CA GLU B 258 -7.90 -27.29 -20.00
C GLU B 258 -6.75 -26.34 -19.76
N ARG B 259 -6.32 -26.15 -18.52
CA ARG B 259 -5.22 -25.26 -18.21
C ARG B 259 -3.91 -25.84 -18.74
N PRO B 260 -2.97 -24.98 -19.15
CA PRO B 260 -1.73 -25.48 -19.73
C PRO B 260 -0.78 -26.02 -18.66
N THR B 261 0.10 -26.91 -19.10
CA THR B 261 1.14 -27.41 -18.22
C THR B 261 2.15 -26.32 -17.93
N PHE B 262 3.00 -26.58 -16.93
CA PHE B 262 4.08 -25.64 -16.63
C PHE B 262 5.20 -25.71 -17.65
N GLU B 263 5.39 -26.88 -18.28
CA GLU B 263 6.35 -27.00 -19.37
C GLU B 263 5.98 -26.08 -20.52
N TYR B 264 4.68 -25.98 -20.82
CA TYR B 264 4.22 -25.03 -21.84
C TYR B 264 4.42 -23.59 -21.39
N LEU B 265 4.09 -23.30 -20.13
CA LEU B 265 4.17 -21.94 -19.62
C LEU B 265 5.60 -21.40 -19.69
N GLN B 266 6.57 -22.20 -19.24
CA GLN B 266 7.96 -21.78 -19.27
C GLN B 266 8.42 -21.49 -20.69
N ALA B 267 8.13 -22.42 -21.62
CA ALA B 267 8.52 -22.24 -23.01
C ALA B 267 7.85 -21.02 -23.62
N PHE B 268 6.59 -20.75 -23.25
CA PHE B 268 5.88 -19.60 -23.77
C PHE B 268 6.54 -18.30 -23.30
N LEU B 269 6.87 -18.22 -22.01
CA LEU B 269 7.44 -17.00 -21.46
C LEU B 269 8.91 -16.83 -21.81
N GLU B 270 9.63 -17.95 -22.00
CA GLU B 270 11.04 -17.84 -22.40
C GLU B 270 11.18 -17.26 -23.80
N ASP B 271 10.24 -17.54 -24.69
CA ASP B 271 10.27 -17.07 -26.07
C ASP B 271 9.30 -15.91 -26.32
N TYR B 272 8.95 -15.16 -25.27
CA TYR B 272 7.81 -14.25 -25.37
C TYR B 272 8.06 -13.13 -26.39
N PHE B 273 9.21 -12.48 -26.28
CA PHE B 273 9.48 -11.28 -27.07
C PHE B 273 10.03 -11.59 -28.46
N THR B 274 9.97 -12.85 -28.88
CA THR B 274 10.27 -13.23 -30.25
C THR B 274 9.06 -13.85 -30.94
N SER B 275 8.40 -14.81 -30.31
CA SER B 275 7.31 -15.55 -30.94
C SER B 275 5.93 -14.98 -30.63
N THR B 276 5.79 -14.24 -29.54
CA THR B 276 4.48 -13.72 -29.12
C THR B 276 4.36 -12.22 -29.30
N GLU B 277 5.29 -11.43 -28.75
CA GLU B 277 5.30 -9.98 -28.88
C GLU B 277 6.65 -9.54 -29.39
N PRO B 278 6.91 -9.67 -30.69
CA PRO B 278 8.20 -9.23 -31.24
C PRO B 278 8.28 -7.73 -31.47
N GLN B 279 7.16 -7.02 -31.46
CA GLN B 279 7.13 -5.57 -31.64
C GLN B 279 6.73 -4.87 -30.33
N TYR B 280 7.29 -5.35 -29.22
CA TYR B 280 6.95 -4.79 -27.91
C TYR B 280 7.63 -3.43 -27.72
N GLN B 281 6.86 -2.45 -27.27
CA GLN B 281 7.35 -1.10 -27.04
C GLN B 281 7.31 -0.79 -25.55
N PRO B 282 8.44 -0.47 -24.92
CA PRO B 282 8.41 -0.16 -23.48
C PRO B 282 7.66 1.13 -23.20
N GLY B 283 6.82 1.09 -22.16
CA GLY B 283 6.01 2.21 -21.77
C GLY B 283 6.45 2.79 -20.43
N GLU B 284 5.57 3.61 -19.86
CA GLU B 284 5.88 4.31 -18.63
C GLU B 284 6.06 3.36 -17.45
N ASN B 285 5.29 2.28 -17.41
CA ASN B 285 5.35 1.32 -16.31
C ASN B 285 5.78 -0.08 -16.75
N LEU B 286 5.33 -0.52 -17.92
CA LEU B 286 5.68 -1.86 -18.40
C LEU B 286 6.39 -1.81 -19.76
C1 IYC C . -11.48 22.49 7.14
C2 IYC C . -12.45 23.17 7.84
C3 IYC C . -12.60 22.96 9.19
C4 IYC C . -11.79 22.06 9.85
C5 IYC C . -10.83 21.40 9.13
C6 IYC C . -10.67 21.60 7.79
C7 IYC C . -11.31 22.73 5.65
C8 IYC C . -13.38 24.18 7.17
C9 IYC C . -15.15 22.51 6.42
C10 IYC C . -14.25 24.19 4.84
C11 IYC C . -15.45 25.10 4.79
C12 IYC C . -15.75 21.80 5.34
N3 IYC C . -16.89 20.48 6.84
O1 IYC C . -16.38 20.48 11.23
O2 IYC C . -13.59 23.67 9.85
C13 IYC C . -16.61 20.79 5.58
C20 IYC C . -13.59 24.78 11.93
N1 IYC C . -11.19 22.91 4.54
N2 IYC C . -14.24 23.60 6.16
C14 IYC C . -16.28 21.16 7.87
C15 IYC C . -17.58 19.63 8.76
C16 IYC C . -16.75 20.61 8.90
C17 IYC C . -16.27 21.12 10.23
C18 IYC C . -15.09 22.89 11.51
C19 IYC C . -13.71 23.45 11.22
F1 IYC C . -9.72 20.92 7.11
N4 IYC C . -15.43 22.18 7.75
N5 IYC C . -17.78 19.42 7.44
N6 IYC C . -18.20 18.89 9.83
N7 IYC C . -15.59 22.37 10.27
C1 IYC D . 10.41 -18.53 2.50
C2 IYC D . 10.91 -17.88 3.61
C3 IYC D . 10.53 -16.59 3.88
C4 IYC D . 9.67 -15.91 3.03
C5 IYC D . 9.19 -16.55 1.92
C6 IYC D . 9.55 -17.86 1.65
C7 IYC D . 10.80 -19.96 2.21
C8 IYC D . 11.85 -18.55 4.61
C9 IYC D . 14.04 -18.08 3.45
C10 IYC D . 13.53 -20.36 4.30
C11 IYC D . 14.27 -20.45 5.62
C12 IYC D . 15.20 -18.61 2.80
N3 IYC D . 15.86 -16.47 2.27
O1 IYC D . 13.73 -12.67 3.10
O2 IYC D . 11.07 -16.00 5.02
C13 IYC D . 16.09 -17.80 2.22
C20 IYC D . 10.40 -14.55 6.74
N1 IYC D . 11.11 -21.02 2.00
N2 IYC D . 13.12 -18.99 4.09
C14 IYC D . 14.74 -15.97 2.91
C15 IYC D . 15.86 -14.26 2.12
C16 IYC D . 14.84 -14.73 2.76
C17 IYC D . 13.77 -13.82 3.34
C18 IYC D . 11.73 -13.70 4.83
C19 IYC D . 10.66 -14.69 5.25
F1 IYC D . 9.05 -18.48 0.55
N4 IYC D . 13.80 -16.71 3.53
N5 IYC D . 16.65 -15.30 1.73
N6 IYC D . 16.12 -12.87 1.88
N7 IYC D . 12.80 -14.43 4.20
#